data_2WOU
#
_entry.id   2WOU
#
_cell.length_a   41.881
_cell.length_b   77.042
_cell.length_c   90.387
_cell.angle_alpha   90.00
_cell.angle_beta   90.00
_cell.angle_gamma   90.00
#
_symmetry.space_group_name_H-M   'P 21 21 21'
#
loop_
_entity.id
_entity.type
_entity.pdbx_description
1 polymer 'TGF-BETA RECEPTOR TYPE-1'
2 non-polymer 1,2-ETHANEDIOL
3 non-polymer 4-({4-[(2,6-DIMETHYLPYRIDIN-3-YL)OXY]PYRIDIN-2-YL}AMINO)BENZENESULFONAMIDE
4 water water
#
_entity_poly.entity_id   1
_entity_poly.type   'polypeptide(L)'
_entity_poly.pdbx_seq_one_letter_code
;GGTIARTIVLQESIGKGRFGEVWRGKWRGEEVAVKIFSSREERSWFREAEIYQTVMLRHENILGFIAADNKDNGTWTQLW
LVSDYHEHGSLFDYLNRYTVTVEGMIKLALSTASGLAHLHMEIVGTQGKPAIAHRDLKSKNILVKKNGTCCIADLGLAVR
HDSATDTIDIAPNHRVGTKRYMAPEVLDDSINMKHFESFKRADIYAMGLVFWEIARRCSIGGIHEDYQLPYYDLVPSDPS
VEEMRKVVCEQKLRPNIPNRWQSCEALRVMAKIMRECWYANGAARLTALRIKKTLSQLSQQEGIKM
;
_entity_poly.pdbx_strand_id   A
#
# COMPACT_ATOMS: atom_id res chain seq x y z
N GLY A 1 20.35 -4.85 29.23
CA GLY A 1 19.14 -4.02 28.91
C GLY A 1 18.62 -4.35 27.52
N GLY A 2 17.48 -3.76 27.14
CA GLY A 2 16.88 -3.98 25.83
C GLY A 2 17.84 -3.63 24.70
N THR A 3 17.68 -4.27 23.54
CA THR A 3 18.64 -4.10 22.44
C THR A 3 18.09 -3.26 21.29
N ILE A 4 16.87 -2.75 21.41
CA ILE A 4 16.26 -2.02 20.29
C ILE A 4 16.03 -0.54 20.65
N ALA A 5 14.84 -0.20 21.15
CA ALA A 5 14.49 1.20 21.39
C ALA A 5 15.44 1.86 22.37
N ARG A 6 15.89 1.10 23.36
CA ARG A 6 16.86 1.57 24.33
C ARG A 6 18.13 2.21 23.69
N THR A 7 18.57 1.62 22.57
CA THR A 7 19.81 2.05 21.91
C THR A 7 19.56 2.88 20.66
N ILE A 8 18.29 3.26 20.41
CA ILE A 8 17.95 4.11 19.27
C ILE A 8 17.84 5.59 19.70
N VAL A 9 18.49 6.45 18.94
CA VAL A 9 18.43 7.91 19.12
C VAL A 9 17.59 8.54 17.99
N LEU A 10 16.50 9.20 18.36
CA LEU A 10 15.62 9.85 17.36
C LEU A 10 16.22 11.17 16.92
N GLN A 11 16.18 11.44 15.62
CA GLN A 11 16.85 12.62 15.02
C GLN A 11 15.92 13.62 14.35
N GLU A 12 14.87 13.13 13.70
CA GLU A 12 14.03 13.97 12.85
C GLU A 12 12.59 13.47 12.88
N SER A 13 11.65 14.36 13.17
CA SER A 13 10.22 14.09 13.08
C SER A 13 9.78 14.04 11.62
N ILE A 14 9.15 12.94 11.22
CA ILE A 14 8.65 12.74 9.85
C ILE A 14 7.17 13.10 9.72
N GLY A 15 6.39 12.81 10.74
CA GLY A 15 5.01 13.27 10.79
C GLY A 15 4.07 12.29 11.44
N LYS A 16 2.86 12.77 11.72
CA LYS A 16 1.81 12.00 12.36
C LYS A 16 0.99 11.29 11.31
N GLY A 17 1.06 9.95 11.30
CA GLY A 17 0.18 9.13 10.46
C GLY A 17 -1.16 8.83 11.13
N ARG A 18 -1.97 7.98 10.49
CA ARG A 18 -3.27 7.55 11.02
C ARG A 18 -3.12 7.03 12.44
N PHE A 19 -2.22 6.07 12.59
CA PHE A 19 -1.77 5.63 13.91
C PHE A 19 -0.27 5.58 13.86
N GLY A 20 0.34 6.22 14.85
CA GLY A 20 1.77 6.22 14.98
C GLY A 20 2.38 7.52 14.46
N GLU A 21 3.23 8.10 15.27
CA GLU A 21 4.01 9.25 14.86
C GLU A 21 5.29 8.66 14.27
N VAL A 22 5.74 9.17 13.13
CA VAL A 22 6.90 8.61 12.48
C VAL A 22 8.14 9.45 12.77
N TRP A 23 9.24 8.79 13.06
CA TRP A 23 10.53 9.46 13.23
C TRP A 23 11.62 8.76 12.45
N ARG A 24 12.66 9.52 12.12
CA ARG A 24 13.89 8.98 11.55
C ARG A 24 14.85 8.95 12.72
N GLY A 25 15.52 7.82 12.92
CA GLY A 25 16.42 7.65 14.05
C GLY A 25 17.68 6.92 13.66
N LYS A 26 18.56 6.71 14.63
CA LYS A 26 19.83 6.06 14.39
C LYS A 26 19.99 4.87 15.34
N TRP A 27 20.36 3.72 14.78
CA TRP A 27 20.50 2.48 15.53
C TRP A 27 21.88 1.89 15.24
N ARG A 28 22.77 1.94 16.23
CA ARG A 28 24.18 1.59 16.05
C ARG A 28 24.76 2.13 14.73
N GLY A 29 24.62 3.44 14.56
CA GLY A 29 25.17 4.14 13.40
C GLY A 29 24.31 4.13 12.15
N GLU A 30 23.30 3.25 12.10
CA GLU A 30 22.47 3.07 10.89
C GLU A 30 21.15 3.82 10.99
N GLU A 31 20.72 4.42 9.88
CA GLU A 31 19.44 5.11 9.85
C GLU A 31 18.30 4.08 9.93
N VAL A 32 17.34 4.32 10.82
CA VAL A 32 16.12 3.51 10.88
C VAL A 32 14.89 4.42 10.98
N ALA A 33 13.72 3.84 10.74
CA ALA A 33 12.45 4.55 10.81
C ALA A 33 11.69 3.95 11.97
N VAL A 34 11.01 4.79 12.72
CA VAL A 34 10.38 4.35 13.96
C VAL A 34 8.98 4.94 13.99
N LYS A 35 8.00 4.07 14.22
CA LYS A 35 6.63 4.51 14.42
C LYS A 35 6.44 4.49 15.91
N ILE A 36 6.04 5.61 16.47
CA ILE A 36 5.81 5.70 17.92
C ILE A 36 4.31 5.78 18.18
N PHE A 37 3.81 4.91 19.05
CA PHE A 37 2.40 4.89 19.48
C PHE A 37 2.34 5.17 20.99
N SER A 38 1.26 5.77 21.48
CA SER A 38 1.07 5.92 22.92
C SER A 38 0.40 4.68 23.50
N SER A 39 0.41 4.56 24.83
CA SER A 39 -0.18 3.39 25.49
C SER A 39 -1.66 3.18 25.14
N ARG A 40 -2.42 4.25 24.89
CA ARG A 40 -3.83 4.11 24.47
C ARG A 40 -4.01 3.62 23.02
N GLU A 41 -2.93 3.58 22.26
CA GLU A 41 -2.92 3.02 20.90
C GLU A 41 -2.33 1.60 20.85
N GLU A 42 -2.31 0.91 22.00
CA GLU A 42 -1.73 -0.42 22.09
C GLU A 42 -2.31 -1.39 21.07
N ARG A 43 -3.62 -1.30 20.80
CA ARG A 43 -4.29 -2.25 19.90
C ARG A 43 -3.72 -2.14 18.49
N SER A 44 -3.57 -0.91 18.00
CA SER A 44 -3.06 -0.66 16.65
C SER A 44 -1.57 -0.98 16.57
N TRP A 45 -0.85 -0.66 17.63
CA TRP A 45 0.56 -1.00 17.71
C TRP A 45 0.71 -2.50 17.66
N PHE A 46 -0.05 -3.20 18.49
CA PHE A 46 0.07 -4.66 18.54
C PHE A 46 -0.31 -5.33 17.23
N ARG A 47 -1.45 -4.91 16.66
CA ARG A 47 -1.93 -5.48 15.41
C ARG A 47 -0.89 -5.30 14.31
N GLU A 48 -0.34 -4.11 14.15
CA GLU A 48 0.67 -3.88 13.12
C GLU A 48 1.97 -4.67 13.36
N ALA A 49 2.38 -4.79 14.61
CA ALA A 49 3.50 -5.67 14.98
C ALA A 49 3.21 -7.12 14.61
N GLU A 50 2.00 -7.56 14.94
CA GLU A 50 1.54 -8.93 14.64
C GLU A 50 1.66 -9.23 13.14
N ILE A 51 1.09 -8.37 12.30
CA ILE A 51 1.15 -8.56 10.85
C ILE A 51 2.58 -8.65 10.32
N TYR A 52 3.42 -7.72 10.77
CA TYR A 52 4.81 -7.66 10.31
C TYR A 52 5.63 -8.83 10.79
N GLN A 53 5.12 -9.57 11.78
CA GLN A 53 5.84 -10.73 12.31
C GLN A 53 5.27 -12.01 11.77
N THR A 54 4.43 -11.89 10.76
CA THR A 54 3.87 -13.05 10.08
C THR A 54 5.02 -13.88 9.49
N VAL A 55 4.97 -15.20 9.66
CA VAL A 55 6.03 -16.06 9.16
C VAL A 55 6.19 -15.87 7.63
N MET A 56 7.44 -15.84 7.18
CA MET A 56 7.81 -15.71 5.77
C MET A 56 7.26 -14.46 5.06
N LEU A 57 6.97 -13.40 5.81
CA LEU A 57 6.51 -12.16 5.19
C LEU A 57 7.61 -11.43 4.38
N ARG A 58 8.87 -11.59 4.78
CA ARG A 58 9.92 -10.76 4.22
C ARG A 58 10.07 -10.93 2.70
N HIS A 59 10.13 -9.79 2.03
CA HIS A 59 10.18 -9.73 0.59
C HIS A 59 10.77 -8.38 0.27
N GLU A 60 11.48 -8.25 -0.83
CA GLU A 60 12.13 -6.98 -1.10
C GLU A 60 11.16 -5.84 -1.45
N ASN A 61 9.89 -6.17 -1.72
CA ASN A 61 8.86 -5.16 -2.01
C ASN A 61 7.82 -5.04 -0.89
N ILE A 62 8.17 -5.49 0.30
CA ILE A 62 7.44 -5.18 1.53
C ILE A 62 8.42 -4.51 2.47
N LEU A 63 7.96 -3.52 3.25
CA LEU A 63 8.88 -2.80 4.13
C LEU A 63 9.55 -3.75 5.10
N GLY A 64 10.88 -3.61 5.23
CA GLY A 64 11.69 -4.48 6.04
C GLY A 64 11.53 -4.13 7.49
N PHE A 65 10.93 -5.05 8.24
CA PHE A 65 10.56 -4.80 9.62
C PHE A 65 11.69 -5.24 10.53
N ILE A 66 12.01 -4.45 11.54
CA ILE A 66 13.09 -4.79 12.49
C ILE A 66 12.56 -5.28 13.83
N ALA A 67 11.73 -4.49 14.51
CA ALA A 67 11.17 -4.91 15.80
C ALA A 67 10.06 -4.03 16.33
N ALA A 68 9.19 -4.65 17.12
CA ALA A 68 8.33 -3.95 18.09
C ALA A 68 9.03 -3.94 19.45
N ASP A 69 8.85 -2.88 20.21
CA ASP A 69 9.56 -2.72 21.48
C ASP A 69 8.84 -1.68 22.30
N ASN A 70 9.19 -1.64 23.58
CA ASN A 70 8.67 -0.63 24.51
C ASN A 70 9.81 0.30 24.88
N LYS A 71 9.50 1.57 25.18
CA LYS A 71 10.48 2.49 25.74
C LYS A 71 9.85 3.38 26.81
N ASP A 72 10.39 3.30 28.03
CA ASP A 72 9.94 4.08 29.17
C ASP A 72 10.89 5.26 29.31
N ASN A 73 10.41 6.48 29.08
CA ASN A 73 11.27 7.67 29.24
C ASN A 73 11.38 8.14 30.70
N GLY A 74 10.61 7.51 31.60
CA GLY A 74 10.63 7.83 33.03
C GLY A 74 9.34 8.49 33.49
N THR A 75 8.55 8.95 32.53
CA THR A 75 7.25 9.56 32.81
C THR A 75 6.15 8.71 32.15
N TRP A 76 6.33 8.36 30.88
CA TRP A 76 5.38 7.47 30.19
C TRP A 76 6.09 6.46 29.31
N THR A 77 5.33 5.45 28.89
CA THR A 77 5.82 4.40 28.05
C THR A 77 5.38 4.66 26.62
N GLN A 78 6.32 4.43 25.71
CA GLN A 78 6.10 4.55 24.27
C GLN A 78 6.14 3.17 23.65
N LEU A 79 5.27 2.96 22.67
CA LEU A 79 5.22 1.70 21.94
C LEU A 79 5.82 1.91 20.55
N TRP A 80 6.87 1.15 20.24
CA TRP A 80 7.70 1.41 19.08
C TRP A 80 7.55 0.33 18.02
N LEU A 81 7.40 0.74 16.75
CA LEU A 81 7.70 -0.16 15.63
C LEU A 81 8.92 0.40 14.87
N VAL A 82 9.96 -0.40 14.76
CA VAL A 82 11.17 0.01 14.09
C VAL A 82 11.25 -0.68 12.73
N SER A 83 11.69 0.04 11.70
CA SER A 83 11.84 -0.54 10.37
C SER A 83 13.06 0.02 9.66
N ASP A 84 13.39 -0.56 8.50
CA ASP A 84 14.33 0.06 7.54
C ASP A 84 13.86 1.49 7.23
N TYR A 85 14.80 2.37 6.90
CA TYR A 85 14.49 3.76 6.54
C TYR A 85 14.68 3.99 5.05
N HIS A 86 13.66 4.59 4.43
CA HIS A 86 13.67 4.91 3.01
C HIS A 86 13.56 6.41 2.79
N GLU A 87 14.67 6.97 2.32
CA GLU A 87 14.89 8.43 2.23
C GLU A 87 13.90 9.17 1.33
N HIS A 88 13.44 8.52 0.26
CA HIS A 88 12.51 9.14 -0.70
C HIS A 88 11.10 9.27 -0.16
N GLY A 89 10.80 8.64 0.97
CA GLY A 89 9.44 8.67 1.50
C GLY A 89 8.49 7.88 0.62
N SER A 90 7.23 8.30 0.59
CA SER A 90 6.20 7.52 -0.05
C SER A 90 6.21 7.70 -1.56
N LEU A 91 5.50 6.82 -2.25
CA LEU A 91 5.36 6.93 -3.71
C LEU A 91 4.64 8.24 -4.06
N PHE A 92 3.70 8.64 -3.20
CA PHE A 92 3.08 9.97 -3.24
C PHE A 92 4.07 11.12 -3.25
N ASP A 93 5.03 11.10 -2.35
CA ASP A 93 6.04 12.17 -2.27
C ASP A 93 6.90 12.19 -3.54
N TYR A 94 7.31 10.99 -3.97
CA TYR A 94 8.19 10.81 -5.12
C TYR A 94 7.53 11.24 -6.42
N LEU A 95 6.26 10.89 -6.58
CA LEU A 95 5.50 11.28 -7.77
C LEU A 95 5.19 12.79 -7.80
N ASN A 96 5.03 13.40 -6.63
CA ASN A 96 4.92 14.86 -6.55
C ASN A 96 6.25 15.55 -6.90
N ARG A 97 7.35 15.01 -6.37
CA ARG A 97 8.70 15.57 -6.61
C ARG A 97 9.18 15.40 -8.04
N TYR A 98 8.88 14.26 -8.66
CA TYR A 98 9.58 13.79 -9.84
C TYR A 98 8.67 13.36 -10.98
N THR A 99 9.22 13.39 -12.20
CA THR A 99 8.67 12.64 -13.32
C THR A 99 9.58 11.42 -13.53
N VAL A 100 9.07 10.40 -14.22
CA VAL A 100 9.82 9.15 -14.42
C VAL A 100 9.96 8.79 -15.90
N THR A 101 11.01 8.04 -16.23
CA THR A 101 11.15 7.47 -17.57
C THR A 101 10.16 6.31 -17.72
N VAL A 102 10.15 5.70 -18.90
CA VAL A 102 9.39 4.47 -19.12
C VAL A 102 10.00 3.38 -18.26
N GLU A 103 11.34 3.32 -18.24
CA GLU A 103 12.05 2.41 -17.35
C GLU A 103 11.61 2.59 -15.88
N GLY A 104 11.55 3.83 -15.42
CA GLY A 104 11.15 4.14 -14.04
C GLY A 104 9.71 3.78 -13.69
N MET A 105 8.78 4.05 -14.62
CA MET A 105 7.39 3.70 -14.42
C MET A 105 7.21 2.19 -14.26
N ILE A 106 7.95 1.42 -15.05
CA ILE A 106 7.79 -0.02 -15.05
C ILE A 106 8.38 -0.61 -13.76
N LYS A 107 9.52 -0.07 -13.31
CA LYS A 107 10.09 -0.46 -12.01
C LYS A 107 9.14 -0.24 -10.83
N LEU A 108 8.48 0.92 -10.83
CA LEU A 108 7.57 1.30 -9.75
C LEU A 108 6.29 0.43 -9.78
N ALA A 109 5.76 0.19 -10.98
CA ALA A 109 4.54 -0.62 -11.12
C ALA A 109 4.84 -2.10 -10.90
N LEU A 110 5.94 -2.59 -11.45
CA LEU A 110 6.36 -3.98 -11.23
C LEU A 110 6.65 -4.26 -9.76
N SER A 111 7.47 -3.43 -9.11
CA SER A 111 7.86 -3.69 -7.71
C SER A 111 6.65 -3.68 -6.79
N THR A 112 5.72 -2.77 -7.05
CA THR A 112 4.48 -2.67 -6.29
C THR A 112 3.64 -3.90 -6.46
N ALA A 113 3.43 -4.35 -7.71
CA ALA A 113 2.67 -5.57 -8.00
C ALA A 113 3.32 -6.84 -7.42
N SER A 114 4.64 -6.91 -7.44
CA SER A 114 5.35 -8.03 -6.83
C SER A 114 5.14 -8.08 -5.32
N GLY A 115 5.18 -6.91 -4.68
CA GLY A 115 4.87 -6.80 -3.24
C GLY A 115 3.46 -7.31 -2.94
N LEU A 116 2.49 -6.88 -3.75
CA LEU A 116 1.10 -7.25 -3.50
C LEU A 116 0.91 -8.75 -3.77
N ALA A 117 1.59 -9.26 -4.80
CA ALA A 117 1.52 -10.68 -5.13
C ALA A 117 2.06 -11.52 -3.98
N HIS A 118 3.12 -11.05 -3.34
CA HIS A 118 3.65 -11.76 -2.21
C HIS A 118 2.67 -11.76 -1.03
N LEU A 119 2.15 -10.58 -0.72
CA LEU A 119 1.12 -10.47 0.32
C LEU A 119 -0.03 -11.44 0.07
N HIS A 120 -0.63 -11.34 -1.11
CA HIS A 120 -1.77 -12.18 -1.49
C HIS A 120 -1.53 -13.70 -1.54
N MET A 121 -0.27 -14.11 -1.73
CA MET A 121 0.04 -15.51 -2.00
C MET A 121 0.09 -16.35 -0.72
N GLU A 122 -0.66 -17.44 -0.71
CA GLU A 122 -0.51 -18.41 0.37
C GLU A 122 0.68 -19.30 0.04
N ILE A 123 1.52 -19.55 1.03
CA ILE A 123 2.62 -20.49 0.90
C ILE A 123 2.33 -21.62 1.88
N VAL A 124 2.23 -22.86 1.37
CA VAL A 124 1.96 -24.01 2.25
C VAL A 124 3.19 -24.43 3.04
N GLY A 125 2.95 -25.12 4.16
CA GLY A 125 4.01 -25.59 5.07
C GLY A 125 3.78 -25.07 6.48
N THR A 126 4.58 -25.55 7.43
CA THR A 126 4.48 -25.08 8.82
C THR A 126 4.99 -23.64 8.97
N GLN A 127 6.08 -23.33 8.25
CA GLN A 127 6.58 -21.96 8.13
C GLN A 127 5.83 -21.22 7.02
N GLY A 128 4.99 -21.95 6.31
CA GLY A 128 4.10 -21.39 5.30
C GLY A 128 3.41 -20.11 5.72
N LYS A 129 3.30 -19.20 4.76
CA LYS A 129 2.78 -17.86 4.96
C LYS A 129 1.29 -17.85 4.60
N PRO A 130 0.47 -17.20 5.43
CA PRO A 130 -0.93 -17.09 5.09
C PRO A 130 -1.14 -15.99 4.05
N ALA A 131 -2.16 -16.14 3.22
CA ALA A 131 -2.55 -15.09 2.31
C ALA A 131 -2.95 -13.88 3.15
N ILE A 132 -2.59 -12.68 2.68
CA ILE A 132 -2.81 -11.41 3.38
C ILE A 132 -3.37 -10.37 2.42
N ALA A 133 -4.43 -9.68 2.80
CA ALA A 133 -4.92 -8.54 2.03
C ALA A 133 -4.62 -7.23 2.80
N HIS A 134 -4.10 -6.21 2.11
CA HIS A 134 -3.67 -4.95 2.76
C HIS A 134 -4.83 -4.15 3.39
N ARG A 135 -5.83 -3.83 2.56
CA ARG A 135 -7.05 -3.07 2.91
C ARG A 135 -6.94 -1.55 2.93
N ASP A 136 -5.73 -1.02 2.72
CA ASP A 136 -5.55 0.44 2.65
C ASP A 136 -4.41 0.81 1.68
N LEU A 137 -4.36 0.12 0.55
CA LEU A 137 -3.32 0.36 -0.42
C LEU A 137 -3.54 1.75 -1.05
N LYS A 138 -2.48 2.52 -1.16
CA LYS A 138 -2.53 3.86 -1.72
C LYS A 138 -1.12 4.37 -1.85
N SER A 139 -0.92 5.44 -2.62
CA SER A 139 0.42 5.90 -2.91
C SER A 139 1.18 6.32 -1.65
N LYS A 140 0.47 6.83 -0.64
CA LYS A 140 1.07 7.21 0.63
C LYS A 140 1.48 6.03 1.54
N ASN A 141 0.98 4.82 1.24
CA ASN A 141 1.34 3.60 1.98
C ASN A 141 2.36 2.74 1.25
N ILE A 142 2.96 3.28 0.20
CA ILE A 142 4.02 2.59 -0.50
C ILE A 142 5.23 3.50 -0.45
N LEU A 143 6.38 2.94 -0.10
CA LEU A 143 7.64 3.70 0.01
C LEU A 143 8.52 3.44 -1.20
N VAL A 144 9.44 4.36 -1.50
CA VAL A 144 10.33 4.26 -2.66
C VAL A 144 11.79 4.10 -2.19
N LYS A 145 12.42 3.00 -2.57
CA LYS A 145 13.80 2.71 -2.18
C LYS A 145 14.78 3.55 -3.01
N LYS A 146 16.06 3.49 -2.64
CA LYS A 146 17.12 4.17 -3.39
C LYS A 146 17.31 3.57 -4.79
N ASN A 147 17.12 2.25 -4.92
CA ASN A 147 17.28 1.58 -6.21
C ASN A 147 16.10 1.83 -7.17
N GLY A 148 15.09 2.59 -6.75
CA GLY A 148 13.98 2.97 -7.63
C GLY A 148 12.83 1.98 -7.67
N THR A 149 12.80 1.07 -6.70
CA THR A 149 11.70 0.13 -6.57
C THR A 149 10.86 0.49 -5.34
N CYS A 150 9.62 -0.01 -5.31
CA CYS A 150 8.70 0.26 -4.21
C CYS A 150 8.71 -0.85 -3.18
N CYS A 151 8.28 -0.50 -1.96
CA CYS A 151 7.87 -1.50 -0.99
C CYS A 151 6.60 -1.04 -0.29
N ILE A 152 5.74 -2.00 0.02
CA ILE A 152 4.45 -1.75 0.65
C ILE A 152 4.64 -1.67 2.17
N ALA A 153 4.03 -0.67 2.79
CA ALA A 153 4.15 -0.44 4.22
C ALA A 153 2.75 -0.20 4.77
N ASP A 154 2.68 0.24 6.03
CA ASP A 154 1.42 0.52 6.69
C ASP A 154 0.43 -0.65 6.55
N LEU A 155 0.85 -1.77 7.13
CA LEU A 155 0.15 -3.04 7.09
C LEU A 155 -0.81 -3.22 8.28
N GLY A 156 -1.07 -2.15 9.03
CA GLY A 156 -1.89 -2.24 10.24
C GLY A 156 -3.33 -2.68 10.03
N LEU A 157 -3.87 -2.41 8.85
CA LEU A 157 -5.27 -2.68 8.58
C LEU A 157 -5.45 -4.01 7.85
N ALA A 158 -4.36 -4.78 7.70
CA ALA A 158 -4.36 -5.99 6.91
C ALA A 158 -5.16 -7.10 7.62
N VAL A 159 -5.71 -8.01 6.82
CA VAL A 159 -6.37 -9.25 7.30
C VAL A 159 -5.63 -10.47 6.78
N ARG A 160 -5.60 -11.54 7.58
CA ARG A 160 -4.88 -12.76 7.21
C ARG A 160 -5.84 -13.93 7.14
N HIS A 161 -5.67 -14.74 6.12
CA HIS A 161 -6.58 -15.85 5.85
C HIS A 161 -6.05 -17.16 6.40
N ASP A 162 -6.86 -17.87 7.20
CA ASP A 162 -6.56 -19.26 7.58
C ASP A 162 -7.27 -20.20 6.59
N SER A 163 -6.49 -20.71 5.65
CA SER A 163 -7.00 -21.55 4.58
C SER A 163 -7.46 -22.91 5.07
N ALA A 164 -6.87 -23.40 6.16
CA ALA A 164 -7.29 -24.65 6.80
C ALA A 164 -8.79 -24.61 7.16
N THR A 165 -9.24 -23.54 7.81
CA THR A 165 -10.65 -23.44 8.26
C THR A 165 -11.47 -22.39 7.50
N ASP A 166 -10.84 -21.72 6.52
CA ASP A 166 -11.52 -20.72 5.71
C ASP A 166 -11.99 -19.51 6.54
N THR A 167 -11.19 -19.14 7.54
CA THR A 167 -11.49 -18.03 8.44
C THR A 167 -10.43 -16.94 8.33
N ILE A 168 -10.88 -15.71 8.56
CA ILE A 168 -10.02 -14.55 8.52
C ILE A 168 -9.66 -14.25 9.96
N ASP A 169 -8.41 -13.83 10.20
CA ASP A 169 -7.88 -13.81 11.56
C ASP A 169 -8.49 -12.74 12.47
N ILE A 170 -9.17 -11.75 11.89
CA ILE A 170 -9.95 -10.78 12.69
C ILE A 170 -11.41 -10.73 12.24
N ALA A 171 -12.24 -10.14 13.11
CA ALA A 171 -13.65 -9.87 12.80
C ALA A 171 -13.73 -8.51 12.11
N PRO A 172 -13.81 -8.49 10.76
CA PRO A 172 -13.54 -7.27 10.00
C PRO A 172 -14.62 -6.20 10.14
N ASN A 173 -14.19 -4.94 10.17
CA ASN A 173 -15.09 -3.80 10.30
C ASN A 173 -15.23 -3.12 8.94
N HIS A 174 -16.46 -2.74 8.60
CA HIS A 174 -16.73 -2.19 7.28
C HIS A 174 -15.99 -0.86 7.07
N ARG A 175 -15.33 -0.73 5.92
CA ARG A 175 -14.77 0.53 5.45
C ARG A 175 -13.75 1.13 6.44
N VAL A 176 -12.61 0.47 6.54
CA VAL A 176 -11.51 0.92 7.40
C VAL A 176 -10.46 1.74 6.63
N GLY A 177 -10.40 1.56 5.31
CA GLY A 177 -9.35 2.20 4.50
C GLY A 177 -9.59 3.66 4.15
N THR A 178 -8.74 4.19 3.27
CA THR A 178 -8.87 5.56 2.77
C THR A 178 -10.03 5.63 1.78
N LYS A 179 -10.97 6.53 2.03
CA LYS A 179 -12.24 6.57 1.29
C LYS A 179 -12.07 6.69 -0.22
N ARG A 180 -11.19 7.58 -0.65
CA ARG A 180 -10.85 7.78 -2.08
C ARG A 180 -10.46 6.53 -2.86
N TYR A 181 -9.87 5.56 -2.16
CA TYR A 181 -9.31 4.33 -2.77
C TYR A 181 -10.16 3.07 -2.54
N MET A 182 -11.27 3.19 -1.82
CA MET A 182 -12.15 2.07 -1.57
C MET A 182 -12.80 1.58 -2.87
N ALA A 183 -12.80 0.26 -3.07
CA ALA A 183 -13.45 -0.33 -4.23
C ALA A 183 -14.98 -0.08 -4.18
N PRO A 184 -15.65 -0.15 -5.33
CA PRO A 184 -17.09 0.08 -5.40
C PRO A 184 -17.84 -0.74 -4.37
N GLU A 185 -17.54 -2.04 -4.34
CA GLU A 185 -18.20 -2.99 -3.43
C GLU A 185 -17.95 -2.67 -1.95
N VAL A 186 -16.90 -1.91 -1.66
CA VAL A 186 -16.68 -1.39 -0.32
C VAL A 186 -17.53 -0.14 -0.14
N LEU A 187 -17.47 0.78 -1.09
CA LEU A 187 -18.27 2.01 -1.02
C LEU A 187 -19.78 1.78 -0.87
N ASP A 188 -20.31 0.71 -1.44
CA ASP A 188 -21.75 0.41 -1.34
C ASP A 188 -22.06 -0.80 -0.43
N ASP A 189 -21.07 -1.28 0.33
CA ASP A 189 -21.27 -2.34 1.32
C ASP A 189 -21.82 -3.66 0.74
N SER A 190 -21.61 -3.91 -0.55
CA SER A 190 -22.07 -5.15 -1.17
C SER A 190 -21.00 -6.22 -1.05
N ILE A 191 -19.79 -5.80 -0.66
CA ILE A 191 -18.67 -6.72 -0.50
C ILE A 191 -19.03 -7.85 0.46
N ASN A 192 -18.68 -9.07 0.08
CA ASN A 192 -18.88 -10.22 0.91
C ASN A 192 -17.62 -10.45 1.77
N MET A 193 -17.67 -9.96 3.01
CA MET A 193 -16.53 -10.07 3.93
C MET A 193 -16.33 -11.50 4.50
N LYS A 194 -17.24 -12.42 4.18
CA LYS A 194 -17.02 -13.84 4.47
C LYS A 194 -16.49 -14.57 3.23
N HIS A 195 -15.71 -13.85 2.42
CA HIS A 195 -14.95 -14.42 1.31
C HIS A 195 -13.60 -13.70 1.21
N PHE A 196 -12.51 -14.44 1.44
CA PHE A 196 -11.21 -13.78 1.47
C PHE A 196 -10.78 -13.21 0.12
N GLU A 197 -11.23 -13.84 -0.96
CA GLU A 197 -10.90 -13.35 -2.31
C GLU A 197 -11.41 -11.93 -2.52
N SER A 198 -12.53 -11.59 -1.87
CA SER A 198 -13.11 -10.24 -1.95
C SER A 198 -12.14 -9.16 -1.46
N PHE A 199 -11.34 -9.49 -0.43
CA PHE A 199 -10.37 -8.53 0.09
C PHE A 199 -9.21 -8.37 -0.90
N LYS A 200 -8.75 -9.47 -1.48
CA LYS A 200 -7.70 -9.38 -2.51
C LYS A 200 -8.16 -8.54 -3.71
N ARG A 201 -9.44 -8.68 -4.08
CA ARG A 201 -9.99 -7.92 -5.20
C ARG A 201 -10.05 -6.41 -4.94
N ALA A 202 -10.38 -6.03 -3.71
CA ALA A 202 -10.43 -4.60 -3.33
C ALA A 202 -9.03 -3.99 -3.46
N ASP A 203 -8.02 -4.72 -2.97
CA ASP A 203 -6.60 -4.34 -3.17
C ASP A 203 -6.20 -4.08 -4.63
N ILE A 204 -6.69 -4.91 -5.54
CA ILE A 204 -6.34 -4.77 -6.97
C ILE A 204 -6.94 -3.48 -7.58
N TYR A 205 -8.16 -3.15 -7.20
CA TYR A 205 -8.79 -1.87 -7.58
C TYR A 205 -7.95 -0.70 -7.11
N ALA A 206 -7.52 -0.74 -5.86
CA ALA A 206 -6.66 0.32 -5.31
C ALA A 206 -5.33 0.40 -6.04
N MET A 207 -4.74 -0.75 -6.39
CA MET A 207 -3.47 -0.75 -7.11
C MET A 207 -3.64 -0.17 -8.52
N GLY A 208 -4.75 -0.47 -9.18
CA GLY A 208 -5.04 0.19 -10.45
C GLY A 208 -5.00 1.72 -10.35
N LEU A 209 -5.64 2.27 -9.33
CA LEU A 209 -5.66 3.71 -9.12
C LEU A 209 -4.23 4.23 -8.89
N VAL A 210 -3.40 3.44 -8.19
CA VAL A 210 -1.99 3.80 -7.96
C VAL A 210 -1.16 3.79 -9.25
N PHE A 211 -1.34 2.77 -10.08
CA PHE A 211 -0.72 2.72 -11.40
C PHE A 211 -1.05 3.97 -12.23
N TRP A 212 -2.31 4.38 -12.16
CA TRP A 212 -2.77 5.60 -12.81
C TRP A 212 -1.95 6.77 -12.30
N GLU A 213 -1.84 6.92 -10.98
CA GLU A 213 -0.99 7.95 -10.38
C GLU A 213 0.43 7.98 -10.97
N ILE A 214 1.03 6.80 -11.14
CA ILE A 214 2.38 6.67 -11.70
C ILE A 214 2.48 7.05 -13.20
N ALA A 215 1.59 6.48 -14.00
CA ALA A 215 1.55 6.66 -15.46
C ALA A 215 1.47 8.13 -15.87
N ARG A 216 0.68 8.91 -15.13
CA ARG A 216 0.58 10.35 -15.33
C ARG A 216 1.93 11.08 -15.30
N ARG A 217 2.88 10.57 -14.52
CA ARG A 217 4.19 11.23 -14.37
C ARG A 217 5.30 10.67 -15.28
N CYS A 218 4.98 9.68 -16.12
CA CYS A 218 5.94 9.12 -17.08
C CYS A 218 6.12 10.11 -18.23
N SER A 219 7.28 10.75 -18.28
CA SER A 219 7.53 11.83 -19.23
C SER A 219 8.24 11.30 -20.48
N ILE A 220 7.51 11.31 -21.60
CA ILE A 220 8.02 10.89 -22.89
C ILE A 220 8.07 12.12 -23.80
N GLY A 221 9.27 12.45 -24.28
CA GLY A 221 9.47 13.59 -25.18
C GLY A 221 9.03 14.92 -24.62
N GLY A 222 9.10 15.07 -23.30
CA GLY A 222 8.68 16.30 -22.62
C GLY A 222 7.23 16.34 -22.19
N ILE A 223 6.41 15.42 -22.70
CA ILE A 223 4.99 15.41 -22.35
C ILE A 223 4.72 14.48 -21.16
N HIS A 224 4.11 15.05 -20.12
CA HIS A 224 3.65 14.33 -18.95
C HIS A 224 2.53 15.13 -18.31
N GLU A 225 1.76 14.47 -17.44
CA GLU A 225 0.69 15.14 -16.72
C GLU A 225 1.16 15.52 -15.30
N ASP A 226 0.59 16.58 -14.73
CA ASP A 226 0.90 16.99 -13.35
C ASP A 226 0.48 15.90 -12.35
N TYR A 227 1.05 15.90 -11.15
CA TYR A 227 0.63 14.92 -10.15
C TYR A 227 -0.76 15.26 -9.65
N GLN A 228 -1.64 14.25 -9.69
CA GLN A 228 -2.94 14.27 -9.02
C GLN A 228 -3.23 12.94 -8.33
N LEU A 229 -4.01 13.01 -7.25
CA LEU A 229 -4.59 11.81 -6.65
C LEU A 229 -5.76 11.35 -7.54
N PRO A 230 -6.15 10.08 -7.41
CA PRO A 230 -7.29 9.62 -8.21
C PRO A 230 -8.59 10.31 -7.81
N TYR A 231 -9.41 10.65 -8.81
CA TYR A 231 -10.67 11.36 -8.59
C TYR A 231 -10.51 12.84 -8.16
N TYR A 232 -9.31 13.40 -8.34
CA TYR A 232 -9.08 14.83 -8.11
C TYR A 232 -10.12 15.68 -8.88
N ASP A 233 -10.54 15.19 -10.06
CA ASP A 233 -11.49 15.92 -10.94
C ASP A 233 -12.97 15.83 -10.53
N LEU A 234 -13.29 14.95 -9.60
CA LEU A 234 -14.67 14.52 -9.35
C LEU A 234 -15.17 14.66 -7.91
N VAL A 235 -14.25 14.66 -6.95
CA VAL A 235 -14.61 14.72 -5.52
C VAL A 235 -13.72 15.75 -4.79
N PRO A 236 -14.18 16.25 -3.64
CA PRO A 236 -13.32 17.17 -2.89
C PRO A 236 -12.10 16.48 -2.29
N SER A 237 -11.23 17.25 -1.68
CA SER A 237 -10.25 16.70 -0.75
C SER A 237 -11.01 16.13 0.46
N ASP A 238 -10.48 15.08 1.05
CA ASP A 238 -11.16 14.44 2.18
C ASP A 238 -12.63 14.15 1.79
N PRO A 239 -12.82 13.31 0.75
CA PRO A 239 -14.16 12.97 0.31
C PRO A 239 -14.85 12.00 1.25
N SER A 240 -16.17 12.07 1.30
CA SER A 240 -16.94 11.15 2.13
C SER A 240 -17.21 9.89 1.34
N VAL A 241 -17.61 8.84 2.05
CA VAL A 241 -18.07 7.60 1.40
C VAL A 241 -19.20 7.90 0.39
N GLU A 242 -20.15 8.74 0.78
CA GLU A 242 -21.27 9.11 -0.09
C GLU A 242 -20.82 9.82 -1.36
N GLU A 243 -19.84 10.71 -1.23
CA GLU A 243 -19.30 11.44 -2.37
C GLU A 243 -18.59 10.46 -3.30
N MET A 244 -17.74 9.60 -2.74
CA MET A 244 -17.06 8.57 -3.52
C MET A 244 -18.03 7.62 -4.21
N ARG A 245 -19.06 7.19 -3.48
CA ARG A 245 -20.01 6.19 -3.96
C ARG A 245 -20.86 6.73 -5.11
N LYS A 246 -21.26 7.98 -5.00
CA LYS A 246 -22.02 8.62 -6.09
C LYS A 246 -21.20 8.65 -7.38
N VAL A 247 -19.87 8.82 -7.27
CA VAL A 247 -18.99 8.87 -8.45
C VAL A 247 -18.59 7.46 -8.97
N VAL A 248 -18.13 6.62 -8.06
CA VAL A 248 -17.61 5.29 -8.43
C VAL A 248 -18.72 4.26 -8.71
N CYS A 249 -19.83 4.31 -7.96
CA CYS A 249 -20.91 3.31 -8.04
C CYS A 249 -22.21 3.77 -8.75
N GLU A 250 -22.57 5.04 -8.61
CA GLU A 250 -23.81 5.52 -9.24
C GLU A 250 -23.52 6.08 -10.63
N GLN A 251 -22.55 6.97 -10.74
CA GLN A 251 -22.17 7.55 -12.04
C GLN A 251 -21.18 6.62 -12.78
N LYS A 252 -20.53 5.74 -12.02
CA LYS A 252 -19.66 4.68 -12.58
C LYS A 252 -18.47 5.26 -13.33
N LEU A 253 -17.84 6.27 -12.72
CA LEU A 253 -16.68 6.92 -13.30
C LEU A 253 -15.41 6.34 -12.72
N ARG A 254 -14.36 6.40 -13.53
CA ARG A 254 -13.03 5.99 -13.11
C ARG A 254 -12.06 7.09 -13.55
N PRO A 255 -10.86 7.14 -12.95
CA PRO A 255 -9.90 8.14 -13.39
C PRO A 255 -9.74 8.14 -14.92
N ASN A 256 -9.56 9.33 -15.48
CA ASN A 256 -9.44 9.51 -16.91
C ASN A 256 -8.11 8.97 -17.44
N ILE A 257 -8.19 8.30 -18.59
CA ILE A 257 -7.04 7.73 -19.30
C ILE A 257 -6.80 8.59 -20.56
N PRO A 258 -5.76 9.44 -20.53
CA PRO A 258 -5.52 10.39 -21.63
C PRO A 258 -5.22 9.74 -22.98
N ASN A 259 -5.49 10.48 -24.05
CA ASN A 259 -5.24 10.02 -25.41
C ASN A 259 -3.77 9.70 -25.61
N ARG A 260 -2.92 10.62 -25.16
CA ARG A 260 -1.46 10.51 -25.26
C ARG A 260 -0.90 9.09 -25.02
N TRP A 261 -1.47 8.36 -24.08
CA TRP A 261 -0.95 7.05 -23.63
C TRP A 261 -1.03 5.88 -24.62
N GLN A 262 -1.92 5.97 -25.61
CA GLN A 262 -2.01 4.92 -26.63
C GLN A 262 -0.85 5.03 -27.64
N SER A 263 -0.17 6.18 -27.66
CA SER A 263 1.01 6.39 -28.49
C SER A 263 2.14 5.42 -28.13
N CYS A 264 2.31 5.19 -26.83
CA CYS A 264 3.42 4.38 -26.32
C CYS A 264 2.97 2.99 -25.88
N GLU A 265 3.84 2.01 -26.12
CA GLU A 265 3.54 0.61 -25.82
C GLU A 265 3.41 0.36 -24.31
N ALA A 266 4.32 0.95 -23.53
CA ALA A 266 4.35 0.76 -22.08
C ALA A 266 3.12 1.36 -21.41
N LEU A 267 2.76 2.58 -21.81
CA LEU A 267 1.57 3.25 -21.27
C LEU A 267 0.29 2.54 -21.72
N ARG A 268 0.34 1.90 -22.89
CA ARG A 268 -0.78 1.14 -23.41
C ARG A 268 -0.99 -0.15 -22.62
N VAL A 269 0.10 -0.83 -22.27
CA VAL A 269 0.00 -1.99 -21.39
C VAL A 269 -0.49 -1.57 -19.99
N MET A 270 0.05 -0.47 -19.47
CA MET A 270 -0.39 0.07 -18.18
C MET A 270 -1.86 0.48 -18.19
N ALA A 271 -2.30 1.17 -19.25
CA ALA A 271 -3.69 1.60 -19.39
C ALA A 271 -4.66 0.41 -19.39
N LYS A 272 -4.30 -0.62 -20.15
CA LYS A 272 -5.07 -1.85 -20.21
C LYS A 272 -5.19 -2.50 -18.83
N ILE A 273 -4.09 -2.47 -18.05
CA ILE A 273 -4.08 -2.99 -16.67
C ILE A 273 -5.01 -2.19 -15.75
N MET A 274 -4.94 -0.87 -15.81
CA MET A 274 -5.80 -0.03 -14.98
C MET A 274 -7.28 -0.42 -15.18
N ARG A 275 -7.71 -0.46 -16.43
CA ARG A 275 -9.10 -0.78 -16.74
C ARG A 275 -9.46 -2.14 -16.21
N GLU A 276 -8.53 -3.09 -16.31
CA GLU A 276 -8.76 -4.43 -15.80
C GLU A 276 -8.60 -4.57 -14.27
N CYS A 277 -8.21 -3.50 -13.58
CA CYS A 277 -8.35 -3.43 -12.12
C CYS A 277 -9.64 -2.70 -11.68
N TRP A 278 -10.29 -1.99 -12.61
CA TRP A 278 -11.33 -1.03 -12.22
C TRP A 278 -12.75 -1.52 -12.45
N TYR A 279 -12.89 -2.76 -12.90
CA TYR A 279 -14.19 -3.38 -13.06
C TYR A 279 -14.98 -3.30 -11.76
N ALA A 280 -16.27 -3.04 -11.87
CA ALA A 280 -17.15 -2.98 -10.72
C ALA A 280 -17.32 -4.37 -10.09
N ASN A 281 -17.18 -5.40 -10.93
CA ASN A 281 -17.23 -6.78 -10.51
C ASN A 281 -15.83 -7.27 -10.16
N GLY A 282 -15.54 -7.43 -8.87
CA GLY A 282 -14.20 -7.83 -8.42
C GLY A 282 -13.65 -9.08 -9.08
N ALA A 283 -14.56 -10.03 -9.36
CA ALA A 283 -14.23 -11.33 -9.98
C ALA A 283 -13.56 -11.18 -11.35
N ALA A 284 -13.92 -10.13 -12.09
CA ALA A 284 -13.36 -9.90 -13.42
C ALA A 284 -11.96 -9.24 -13.39
N ARG A 285 -11.56 -8.74 -12.23
CA ARG A 285 -10.27 -8.02 -12.14
C ARG A 285 -9.06 -8.94 -12.22
N LEU A 286 -7.93 -8.38 -12.63
CA LEU A 286 -6.69 -9.14 -12.68
C LEU A 286 -6.19 -9.45 -11.29
N THR A 287 -5.39 -10.51 -11.19
CA THR A 287 -4.72 -10.85 -9.96
C THR A 287 -3.38 -10.12 -9.95
N ALA A 288 -2.82 -9.94 -8.77
CA ALA A 288 -1.52 -9.30 -8.64
C ALA A 288 -0.45 -10.14 -9.32
N LEU A 289 -0.60 -11.47 -9.27
CA LEU A 289 0.31 -12.39 -9.96
C LEU A 289 0.30 -12.13 -11.45
N ARG A 290 -0.89 -12.15 -12.04
CA ARG A 290 -1.07 -11.90 -13.47
C ARG A 290 -0.49 -10.54 -13.87
N ILE A 291 -0.73 -9.51 -13.04
CA ILE A 291 -0.16 -8.19 -13.32
C ILE A 291 1.37 -8.20 -13.21
N LYS A 292 1.91 -8.91 -12.22
CA LYS A 292 3.37 -9.07 -12.11
C LYS A 292 3.97 -9.72 -13.35
N LYS A 293 3.34 -10.79 -13.84
CA LYS A 293 3.82 -11.46 -15.06
C LYS A 293 3.84 -10.50 -16.25
N THR A 294 2.72 -9.81 -16.46
CA THR A 294 2.60 -8.87 -17.57
C THR A 294 3.70 -7.80 -17.54
N LEU A 295 3.82 -7.08 -16.42
CA LEU A 295 4.88 -6.06 -16.30
C LEU A 295 6.31 -6.66 -16.37
N SER A 296 6.45 -7.92 -15.98
CA SER A 296 7.71 -8.65 -16.17
C SER A 296 8.00 -8.88 -17.66
N GLN A 297 6.98 -9.30 -18.40
CA GLN A 297 7.10 -9.50 -19.85
C GLN A 297 7.34 -8.18 -20.59
N LEU A 298 6.61 -7.13 -20.16
CA LEU A 298 6.81 -5.78 -20.71
C LEU A 298 8.23 -5.27 -20.48
N SER A 299 8.74 -5.44 -19.26
CA SER A 299 10.11 -5.08 -18.95
C SER A 299 11.05 -6.11 -19.58
#